data_6SNO
#
_entry.id   6SNO
#
_cell.length_a   72.954
_cell.length_b   53.351
_cell.length_c   76.321
_cell.angle_alpha   90.00
_cell.angle_beta   98.44
_cell.angle_gamma   90.00
#
_symmetry.space_group_name_H-M   'P 1 21 1'
#
loop_
_entity.id
_entity.type
_entity.pdbx_description
1 polymer Phosphoglucomutase-1
2 non-polymer 'ZINC ION'
3 non-polymer 1-O-phosphono-alpha-D-glucopyranose
4 water water
#
_entity_poly.entity_id   1
_entity_poly.type   'polypeptide(L)'
_entity_poly.pdbx_seq_one_letter_code
;GAMGSDFEEWISGTYRKMEEGPLPLLTFATAPYHDQKPGTSGLRKKTYYFEEKPCYLENFIQSIFFSIDLKDRQGSSLVV
GGDGRYFNKSAIETIVQMAAANGIGRLVIGQNGILSTPAVSCIIRKIKAIGGIILTA(SEP)HNPGGPNGDFGIKFNISN
GGPAPEAITDKIFQISKTIEEYAVCPDLKVDLGVLGKQQFDLENKFKPFTVEIVDSVEAYATMLRSIFDFSALKELLSGP
NRLKIRIDAMHGVVGPYVKKILCEELGAPANSAVNCVPLEDFGGHHPDPNLTYAADLVETMKSGEHDFGAAFDGDGDRNM
ILGKHGFFVNPSDSVAVIAANIFSIPYFQQTGVRGFARSMPTSGALDRVASATKIALYETPTGWKFFGNLMDASKLSLCG
EESFGTGSDHIREKDGLWAVLAWLSILATRKQSVEDILKDHWQKYGRNFFTRYDYEEVEAEGANKMMKDLEALMFDRSFV
GKQFSANDKVYTVEKADNFEYSDPVDGSISRNQGLRLIFTDGSRIVFRLSGTGSAGATIRLYIDSYEKDVAKINQDPQVM
LAPLISIALKVSQLQERTGRTAPTVIT
;
_entity_poly.pdbx_strand_id   A
#
loop_
_chem_comp.id
_chem_comp.type
_chem_comp.name
_chem_comp.formula
G1P D-saccharide 1-O-phosphono-alpha-D-glucopyranose 'C6 H13 O9 P'
ZN non-polymer 'ZINC ION' 'Zn 2'
#
# COMPACT_ATOMS: atom_id res chain seq x y z
N GLU A 9 32.94 14.15 -12.73
CA GLU A 9 32.17 15.33 -13.10
C GLU A 9 31.32 15.04 -14.35
N TRP A 10 30.30 15.87 -14.56
CA TRP A 10 29.39 15.72 -15.70
C TRP A 10 30.14 15.76 -17.03
N ILE A 11 31.22 16.56 -17.10
CA ILE A 11 31.94 16.74 -18.35
C ILE A 11 32.56 15.43 -18.81
N SER A 12 33.08 14.64 -17.87
CA SER A 12 33.67 13.35 -18.23
C SER A 12 32.64 12.43 -18.87
N GLY A 13 31.43 12.38 -18.31
CA GLY A 13 30.38 11.57 -18.90
C GLY A 13 29.98 12.06 -20.28
N THR A 14 29.86 13.38 -20.44
CA THR A 14 29.51 13.93 -21.75
C THR A 14 30.54 13.54 -22.80
N TYR A 15 31.82 13.83 -22.54
CA TYR A 15 32.87 13.51 -23.50
C TYR A 15 32.92 12.02 -23.77
N ARG A 16 32.72 11.20 -22.74
CA ARG A 16 32.67 9.75 -22.93
C ARG A 16 31.59 9.37 -23.94
N LYS A 17 30.37 9.88 -23.74
CA LYS A 17 29.28 9.60 -24.67
C LYS A 17 29.61 10.07 -26.07
N MET A 18 30.30 11.21 -26.20
CA MET A 18 30.65 11.71 -27.52
C MET A 18 31.66 10.80 -28.22
N GLU A 19 32.64 10.28 -27.47
CA GLU A 19 33.68 9.48 -28.09
C GLU A 19 33.19 8.08 -28.43
N GLU A 20 32.36 7.48 -27.58
CA GLU A 20 31.90 6.13 -27.86
C GLU A 20 30.96 6.07 -29.07
N GLY A 21 30.34 7.19 -29.43
CA GLY A 21 29.47 7.23 -30.58
C GLY A 21 28.05 6.83 -30.24
N PRO A 22 27.23 6.60 -31.28
CA PRO A 22 25.83 6.21 -31.03
C PRO A 22 25.74 4.79 -30.51
N LEU A 23 24.79 4.58 -29.60
CA LEU A 23 24.66 3.28 -28.95
C LEU A 23 23.78 2.36 -29.80
N PRO A 24 24.23 1.14 -30.07
CA PRO A 24 23.38 0.21 -30.84
C PRO A 24 22.18 -0.25 -30.05
N LEU A 25 21.11 -0.58 -30.78
CA LEU A 25 19.91 -1.20 -30.24
C LEU A 25 19.85 -2.63 -30.77
N LEU A 26 19.71 -3.60 -29.87
CA LEU A 26 19.89 -4.99 -30.26
C LEU A 26 18.74 -5.87 -29.78
N THR A 27 18.37 -6.83 -30.63
CA THR A 27 17.40 -7.86 -30.28
C THR A 27 18.14 -9.11 -29.81
N PHE A 28 17.70 -9.67 -28.68
CA PHE A 28 18.27 -10.88 -28.12
C PHE A 28 17.18 -11.91 -27.90
N ALA A 29 17.53 -13.17 -28.15
CA ALA A 29 16.60 -14.28 -27.98
C ALA A 29 16.43 -14.63 -26.51
N THR A 30 15.21 -14.99 -26.13
CA THR A 30 14.91 -15.38 -24.76
C THR A 30 13.95 -16.55 -24.77
N ALA A 31 13.77 -17.15 -23.60
CA ALA A 31 12.81 -18.20 -23.37
C ALA A 31 11.78 -17.76 -22.34
N PRO A 32 10.50 -18.08 -22.53
CA PRO A 32 9.47 -17.60 -21.60
C PRO A 32 9.46 -18.39 -20.30
N TYR A 33 8.84 -17.77 -19.30
CA TYR A 33 8.59 -18.39 -18.01
C TYR A 33 7.09 -18.63 -17.84
N HIS A 34 6.73 -19.22 -16.70
CA HIS A 34 5.36 -19.66 -16.45
C HIS A 34 4.67 -18.91 -15.32
N ASP A 35 5.41 -18.31 -14.39
CA ASP A 35 4.85 -17.73 -13.19
C ASP A 35 4.92 -16.21 -13.17
N GLN A 36 4.93 -15.57 -14.33
CA GLN A 36 5.04 -14.11 -14.40
C GLN A 36 3.67 -13.45 -14.50
N LYS A 37 2.78 -13.87 -13.60
CA LYS A 37 1.44 -13.31 -13.51
C LYS A 37 1.43 -12.22 -12.45
N PRO A 38 1.19 -10.96 -12.81
CA PRO A 38 1.18 -9.88 -11.81
C PRO A 38 -0.11 -9.89 -11.01
N GLY A 39 0.02 -9.90 -9.68
CA GLY A 39 -1.12 -10.01 -8.77
C GLY A 39 -1.74 -8.68 -8.44
N THR A 40 -2.30 -8.60 -7.22
CA THR A 40 -2.94 -7.36 -6.78
C THR A 40 -1.92 -6.24 -6.60
N SER A 41 -0.67 -6.57 -6.36
CA SER A 41 0.39 -5.61 -6.10
C SER A 41 1.56 -5.84 -7.04
N GLY A 42 1.28 -6.09 -8.31
CA GLY A 42 2.32 -6.35 -9.28
C GLY A 42 2.78 -7.80 -9.25
N LEU A 43 4.01 -8.01 -9.73
CA LEU A 43 4.63 -9.33 -9.77
C LEU A 43 5.72 -9.39 -8.71
N ARG A 44 5.54 -10.28 -7.73
CA ARG A 44 6.45 -10.40 -6.60
C ARG A 44 6.97 -11.82 -6.51
N LYS A 45 8.29 -11.97 -6.45
CA LYS A 45 8.94 -13.26 -6.24
C LYS A 45 10.09 -13.04 -5.26
N LYS A 46 10.79 -14.13 -4.95
CA LYS A 46 12.02 -13.99 -4.18
C LYS A 46 13.08 -13.30 -5.04
N THR A 47 14.04 -12.66 -4.36
CA THR A 47 15.01 -11.82 -5.07
C THR A 47 15.80 -12.63 -6.10
N TYR A 48 16.12 -13.89 -5.80
CA TYR A 48 16.93 -14.67 -6.72
C TYR A 48 16.19 -14.97 -8.03
N TYR A 49 14.86 -14.96 -8.01
CA TYR A 49 14.10 -15.09 -9.25
C TYR A 49 14.49 -14.01 -10.25
N PHE A 50 14.71 -12.78 -9.76
CA PHE A 50 15.03 -11.65 -10.62
C PHE A 50 16.52 -11.44 -10.79
N GLU A 51 17.32 -11.79 -9.78
CA GLU A 51 18.77 -11.56 -9.83
C GLU A 51 19.52 -12.68 -10.54
N GLU A 52 19.07 -13.92 -10.38
CA GLU A 52 19.82 -15.08 -10.87
C GLU A 52 19.21 -15.75 -12.09
N LYS A 53 17.89 -15.81 -12.21
CA LYS A 53 17.28 -16.49 -13.35
C LYS A 53 17.55 -15.73 -14.63
N PRO A 54 17.97 -16.40 -15.71
CA PRO A 54 18.34 -15.68 -16.93
C PRO A 54 17.13 -15.01 -17.60
N CYS A 55 17.26 -13.72 -17.86
CA CYS A 55 16.29 -12.93 -18.63
C CYS A 55 14.90 -12.93 -18.01
N TYR A 56 14.77 -13.33 -16.75
CA TYR A 56 13.49 -13.20 -16.06
C TYR A 56 13.03 -11.75 -16.09
N LEU A 57 13.87 -10.85 -15.58
CA LEU A 57 13.55 -9.43 -15.55
C LEU A 57 13.33 -8.89 -16.97
N GLU A 58 14.23 -9.21 -17.89
CA GLU A 58 14.08 -8.73 -19.26
C GLU A 58 12.76 -9.18 -19.87
N ASN A 59 12.41 -10.45 -19.68
CA ASN A 59 11.14 -10.97 -20.21
C ASN A 59 9.96 -10.19 -19.65
N PHE A 60 9.92 -9.99 -18.33
CA PHE A 60 8.78 -9.28 -17.76
C PHE A 60 8.72 -7.83 -18.23
N ILE A 61 9.86 -7.12 -18.21
CA ILE A 61 9.87 -5.72 -18.63
C ILE A 61 9.38 -5.59 -20.06
N GLN A 62 9.91 -6.41 -20.98
CA GLN A 62 9.51 -6.28 -22.37
C GLN A 62 8.04 -6.68 -22.56
N SER A 63 7.54 -7.59 -21.72
CA SER A 63 6.11 -7.86 -21.71
C SER A 63 5.32 -6.60 -21.34
N ILE A 64 5.81 -5.86 -20.34
CA ILE A 64 5.14 -4.61 -19.95
C ILE A 64 5.13 -3.62 -21.11
N PHE A 65 6.26 -3.49 -21.81
CA PHE A 65 6.30 -2.59 -22.96
C PHE A 65 5.31 -3.02 -24.03
N PHE A 66 5.25 -4.33 -24.32
CA PHE A 66 4.33 -4.82 -25.34
C PHE A 66 2.89 -4.62 -24.95
N SER A 67 2.59 -4.60 -23.64
CA SER A 67 1.22 -4.35 -23.21
C SER A 67 0.76 -2.92 -23.48
N ILE A 68 1.71 -2.00 -23.67
CA ILE A 68 1.39 -0.63 -24.06
C ILE A 68 1.31 -0.57 -25.58
N ASP A 69 0.26 0.08 -26.08
CA ASP A 69 0.12 0.25 -27.52
C ASP A 69 1.35 0.97 -28.09
N LEU A 70 1.64 0.69 -29.36
CA LEU A 70 2.82 1.27 -30.00
C LEU A 70 2.67 2.79 -30.13
N LYS A 71 1.46 3.27 -30.42
CA LYS A 71 1.21 4.71 -30.50
C LYS A 71 1.59 5.39 -29.19
N ASP A 72 1.07 4.87 -28.07
CA ASP A 72 1.35 5.46 -26.77
C ASP A 72 2.78 5.22 -26.30
N ARG A 73 3.55 4.37 -27.00
CA ARG A 73 4.87 3.99 -26.54
C ARG A 73 6.00 4.76 -27.21
N GLN A 74 5.81 5.24 -28.45
CA GLN A 74 6.85 5.97 -29.15
C GLN A 74 6.86 7.43 -28.69
N GLY A 75 7.96 7.85 -28.04
CA GLY A 75 8.13 9.21 -27.61
C GLY A 75 7.55 9.54 -26.25
N SER A 76 6.77 8.65 -25.65
CA SER A 76 6.08 8.97 -24.41
C SER A 76 7.04 8.95 -23.23
N SER A 77 6.53 9.35 -22.07
CA SER A 77 7.31 9.42 -20.85
C SER A 77 6.84 8.36 -19.87
N LEU A 78 7.78 7.87 -19.06
CA LEU A 78 7.51 6.79 -18.12
C LEU A 78 8.28 7.07 -16.83
N VAL A 79 7.60 6.99 -15.71
CA VAL A 79 8.23 7.16 -14.40
C VAL A 79 8.81 5.82 -13.98
N VAL A 80 10.00 5.84 -13.38
CA VAL A 80 10.64 4.63 -12.89
C VAL A 80 11.20 4.92 -11.50
N GLY A 81 10.84 4.09 -10.53
CA GLY A 81 11.35 4.31 -9.18
C GLY A 81 10.96 3.16 -8.29
N GLY A 82 11.59 3.11 -7.13
CA GLY A 82 11.36 2.01 -6.21
C GLY A 82 11.62 2.38 -4.78
N ASP A 83 11.54 1.37 -3.91
CA ASP A 83 11.71 1.55 -2.48
C ASP A 83 13.15 1.37 -2.02
N GLY A 84 14.10 1.38 -2.94
CA GLY A 84 15.50 1.26 -2.57
C GLY A 84 15.86 -0.04 -1.91
N ARG A 85 15.20 -1.13 -2.27
CA ARG A 85 15.60 -2.44 -1.78
C ARG A 85 16.68 -3.03 -2.66
N TYR A 86 17.22 -4.18 -2.24
CA TYR A 86 18.33 -4.81 -2.95
C TYR A 86 17.93 -5.15 -4.38
N PHE A 87 18.89 -5.01 -5.30
CA PHE A 87 18.79 -5.27 -6.72
C PHE A 87 18.01 -4.19 -7.46
N ASN A 88 17.42 -3.21 -6.77
CA ASN A 88 16.60 -2.20 -7.43
C ASN A 88 17.41 -1.41 -8.45
N LYS A 89 18.65 -1.05 -8.12
CA LYS A 89 19.43 -0.21 -9.01
C LYS A 89 19.80 -0.95 -10.30
N SER A 90 20.21 -2.21 -10.19
CA SER A 90 20.56 -2.99 -11.38
C SER A 90 19.35 -3.18 -12.28
N ALA A 91 18.21 -3.55 -11.68
CA ALA A 91 16.99 -3.70 -12.45
C ALA A 91 16.58 -2.39 -13.10
N ILE A 92 16.85 -1.26 -12.45
CA ILE A 92 16.52 0.03 -13.04
C ILE A 92 17.44 0.32 -14.22
N GLU A 93 18.71 -0.07 -14.13
CA GLU A 93 19.60 0.06 -15.28
C GLU A 93 19.08 -0.75 -16.46
N THR A 94 18.71 -2.02 -16.21
CA THR A 94 18.13 -2.83 -17.26
C THR A 94 16.88 -2.19 -17.85
N ILE A 95 16.02 -1.64 -16.99
CA ILE A 95 14.81 -0.97 -17.47
C ILE A 95 15.18 0.22 -18.36
N VAL A 96 16.24 0.95 -18.00
CA VAL A 96 16.65 2.10 -18.80
C VAL A 96 17.12 1.64 -20.18
N GLN A 97 17.99 0.63 -20.22
CA GLN A 97 18.51 0.17 -21.50
C GLN A 97 17.41 -0.39 -22.40
N MET A 98 16.50 -1.19 -21.82
CA MET A 98 15.38 -1.72 -22.59
C MET A 98 14.45 -0.61 -23.07
N ALA A 99 14.13 0.35 -22.20
CA ALA A 99 13.29 1.48 -22.59
C ALA A 99 13.90 2.24 -23.75
N ALA A 100 15.21 2.51 -23.67
CA ALA A 100 15.91 3.13 -24.79
C ALA A 100 15.75 2.31 -26.06
N ALA A 101 15.85 0.99 -25.95
CA ALA A 101 15.69 0.14 -27.12
C ALA A 101 14.24 -0.04 -27.55
N ASN A 102 13.27 0.50 -26.81
CA ASN A 102 11.86 0.23 -27.08
C ASN A 102 11.07 1.49 -27.43
N GLY A 103 11.74 2.55 -27.84
CA GLY A 103 11.05 3.73 -28.34
C GLY A 103 10.51 4.68 -27.29
N ILE A 104 10.78 4.45 -26.01
CA ILE A 104 10.37 5.39 -24.98
C ILE A 104 11.12 6.69 -25.15
N GLY A 105 10.41 7.81 -25.02
CA GLY A 105 11.03 9.10 -25.23
C GLY A 105 11.77 9.65 -24.03
N ARG A 106 11.30 9.36 -22.82
CA ARG A 106 11.89 9.94 -21.62
C ARG A 106 11.54 9.08 -20.42
N LEU A 107 12.53 8.89 -19.54
CA LEU A 107 12.33 8.21 -18.26
C LEU A 107 12.62 9.21 -17.14
N VAL A 108 11.62 9.48 -16.32
CA VAL A 108 11.77 10.30 -15.12
C VAL A 108 12.01 9.35 -13.96
N ILE A 109 13.22 9.35 -13.42
CA ILE A 109 13.64 8.41 -12.39
C ILE A 109 13.99 9.20 -11.14
N GLY A 110 13.53 8.71 -9.99
CA GLY A 110 13.94 9.31 -8.73
C GLY A 110 15.43 9.11 -8.50
N GLN A 111 16.05 10.10 -7.84
CA GLN A 111 17.48 10.04 -7.56
C GLN A 111 17.84 8.73 -6.89
N ASN A 112 18.88 8.08 -7.41
CA ASN A 112 19.35 6.78 -6.89
C ASN A 112 18.26 5.72 -6.92
N GLY A 113 17.28 5.89 -7.81
CA GLY A 113 16.16 4.98 -7.91
C GLY A 113 15.09 5.13 -6.84
N ILE A 114 15.25 6.07 -5.92
CA ILE A 114 14.33 6.23 -4.80
C ILE A 114 13.08 6.96 -5.28
N LEU A 115 11.93 6.38 -5.00
CA LEU A 115 10.63 6.98 -5.31
C LEU A 115 9.54 6.18 -4.60
N SER A 116 8.88 6.78 -3.62
CA SER A 116 7.79 6.09 -2.94
C SER A 116 6.64 5.84 -3.90
N THR A 117 5.84 4.81 -3.61
CA THR A 117 4.67 4.51 -4.44
C THR A 117 3.74 5.70 -4.61
N PRO A 118 3.33 6.42 -3.55
CA PRO A 118 2.56 7.65 -3.77
C PRO A 118 3.32 8.69 -4.59
N ALA A 119 4.64 8.76 -4.45
CA ALA A 119 5.42 9.70 -5.24
C ALA A 119 5.37 9.34 -6.72
N VAL A 120 5.39 8.04 -7.05
CA VAL A 120 5.27 7.62 -8.43
C VAL A 120 3.88 7.93 -8.97
N SER A 121 2.85 7.60 -8.20
CA SER A 121 1.48 7.95 -8.59
C SER A 121 1.33 9.44 -8.82
N CYS A 122 2.02 10.25 -8.03
CA CYS A 122 1.96 11.70 -8.16
C CYS A 122 2.65 12.17 -9.43
N ILE A 123 3.90 11.77 -9.62
CA ILE A 123 4.68 12.25 -10.77
C ILE A 123 4.04 11.82 -12.07
N ILE A 124 3.53 10.57 -12.13
CA ILE A 124 2.89 10.09 -13.36
C ILE A 124 1.82 11.07 -13.81
N ARG A 125 0.93 11.43 -12.88
CA ARG A 125 -0.16 12.35 -13.21
C ARG A 125 0.37 13.75 -13.52
N LYS A 126 1.40 14.18 -12.81
CA LYS A 126 1.90 15.55 -13.00
C LYS A 126 2.51 15.74 -14.38
N ILE A 127 3.46 14.87 -14.77
CA ILE A 127 4.16 15.03 -16.04
C ILE A 127 3.43 14.41 -17.21
N LYS A 128 2.21 13.90 -17.00
CA LYS A 128 1.41 13.31 -18.06
C LYS A 128 2.15 12.14 -18.72
N ALA A 129 2.68 11.26 -17.88
CA ALA A 129 3.40 10.08 -18.36
C ALA A 129 2.41 8.99 -18.77
N ILE A 130 2.85 8.11 -19.67
CA ILE A 130 2.03 6.98 -20.06
C ILE A 130 1.93 5.95 -18.93
N GLY A 131 2.84 6.02 -17.95
CA GLY A 131 2.74 5.14 -16.80
C GLY A 131 4.03 5.16 -16.00
N GLY A 132 4.18 4.13 -15.17
CA GLY A 132 5.37 4.00 -14.34
C GLY A 132 5.65 2.57 -13.96
N ILE A 133 6.92 2.32 -13.64
CA ILE A 133 7.39 1.04 -13.15
C ILE A 133 7.95 1.27 -11.74
N ILE A 134 7.38 0.56 -10.77
CA ILE A 134 7.74 0.69 -9.36
C ILE A 134 8.45 -0.60 -8.94
N LEU A 135 9.69 -0.45 -8.47
CA LEU A 135 10.49 -1.55 -7.96
C LEU A 135 10.24 -1.65 -6.47
N THR A 136 9.20 -2.39 -6.09
CA THR A 136 8.89 -2.59 -4.67
C THR A 136 8.24 -3.95 -4.46
N ALA A 137 8.44 -4.48 -3.27
CA ALA A 137 7.73 -5.68 -2.83
C ALA A 137 6.81 -5.28 -1.67
N SEP A 138 6.55 -3.98 -1.57
CA SEP A 138 5.74 -3.41 -0.51
CB SEP A 138 4.29 -3.89 -0.63
OG SEP A 138 3.44 -3.19 0.26
C SEP A 138 6.30 -3.72 0.88
O SEP A 138 7.44 -3.38 1.18
P SEP A 138 1.91 -3.22 -0.24
O1P SEP A 138 1.37 -4.74 -0.24
O2P SEP A 138 1.03 -2.33 0.75
O3P SEP A 138 1.82 -2.62 -1.74
N HIS A 139 5.48 -4.36 1.70
CA HIS A 139 5.84 -4.63 3.09
C HIS A 139 6.74 -5.85 3.25
N ASN A 140 7.02 -6.54 2.13
CA ASN A 140 7.81 -7.75 2.19
C ASN A 140 9.29 -7.43 2.35
N PRO A 141 10.03 -8.26 3.08
CA PRO A 141 11.44 -7.95 3.37
C PRO A 141 12.30 -8.00 2.11
N GLY A 142 13.37 -7.20 2.13
CA GLY A 142 14.31 -7.12 1.03
C GLY A 142 15.70 -7.57 1.45
N GLY A 143 16.60 -7.55 0.46
CA GLY A 143 17.94 -8.05 0.64
C GLY A 143 18.23 -9.19 -0.31
N PRO A 144 19.47 -9.70 -0.30
CA PRO A 144 19.79 -10.82 -1.20
C PRO A 144 18.89 -12.03 -1.00
N ASN A 145 18.55 -12.34 0.25
CA ASN A 145 17.69 -13.46 0.59
C ASN A 145 16.26 -13.03 0.89
N GLY A 146 15.87 -11.82 0.47
CA GLY A 146 14.54 -11.29 0.66
C GLY A 146 13.67 -11.45 -0.57
N ASP A 147 12.76 -10.51 -0.75
CA ASP A 147 11.82 -10.53 -1.87
C ASP A 147 12.07 -9.35 -2.80
N PHE A 148 11.36 -9.36 -3.92
CA PHE A 148 11.53 -8.38 -4.98
C PHE A 148 10.28 -8.37 -5.84
N GLY A 149 9.89 -7.18 -6.31
CA GLY A 149 8.67 -7.04 -7.08
C GLY A 149 8.75 -5.94 -8.12
N ILE A 150 7.80 -5.98 -9.05
CA ILE A 150 7.66 -4.99 -10.11
C ILE A 150 6.18 -4.66 -10.27
N LYS A 151 5.82 -3.39 -10.15
CA LYS A 151 4.44 -2.93 -10.19
C LYS A 151 4.30 -1.95 -11.34
N PHE A 152 3.35 -2.20 -12.23
CA PHE A 152 3.13 -1.35 -13.40
C PHE A 152 1.90 -0.47 -13.18
N ASN A 153 2.08 0.83 -13.29
CA ASN A 153 1.01 1.80 -13.17
C ASN A 153 0.77 2.48 -14.51
N ILE A 154 -0.50 2.86 -14.75
CA ILE A 154 -0.88 3.44 -16.04
C ILE A 154 -1.02 4.95 -15.91
N SER A 155 -1.58 5.59 -16.94
CA SER A 155 -1.51 7.03 -17.07
C SER A 155 -2.35 7.78 -16.03
N ASN A 156 -3.30 7.11 -15.39
CA ASN A 156 -4.04 7.75 -14.30
C ASN A 156 -3.28 7.70 -12.98
N GLY A 157 -2.08 7.12 -12.97
CA GLY A 157 -1.27 7.03 -11.79
C GLY A 157 -1.55 5.83 -10.91
N GLY A 158 -2.54 5.02 -11.24
CA GLY A 158 -2.91 3.90 -10.41
C GLY A 158 -2.43 2.57 -10.97
N PRO A 159 -2.67 1.49 -10.24
CA PRO A 159 -2.21 0.17 -10.70
C PRO A 159 -2.88 -0.22 -12.01
N ALA A 160 -2.15 -0.98 -12.80
CA ALA A 160 -2.66 -1.48 -14.07
C ALA A 160 -3.84 -2.41 -13.82
N PRO A 161 -5.00 -2.17 -14.43
CA PRO A 161 -6.17 -3.03 -14.20
C PRO A 161 -5.93 -4.44 -14.69
N GLU A 162 -6.91 -5.30 -14.40
CA GLU A 162 -6.77 -6.73 -14.69
C GLU A 162 -6.55 -6.99 -16.18
N ALA A 163 -7.15 -6.18 -17.05
CA ALA A 163 -6.93 -6.33 -18.48
C ALA A 163 -5.45 -6.22 -18.82
N ILE A 164 -4.80 -5.17 -18.33
CA ILE A 164 -3.39 -4.93 -18.64
C ILE A 164 -2.51 -6.02 -18.05
N THR A 165 -2.71 -6.34 -16.77
CA THR A 165 -1.88 -7.35 -16.13
C THR A 165 -2.05 -8.71 -16.80
N ASP A 166 -3.27 -9.03 -17.23
CA ASP A 166 -3.49 -10.28 -17.94
C ASP A 166 -2.79 -10.27 -19.30
N LYS A 167 -2.81 -9.13 -19.99
CA LYS A 167 -2.05 -8.99 -21.23
C LYS A 167 -0.56 -9.24 -20.97
N ILE A 168 -0.04 -8.72 -19.86
CA ILE A 168 1.38 -8.88 -19.55
C ILE A 168 1.69 -10.35 -19.24
N PHE A 169 0.78 -11.05 -18.57
CA PHE A 169 0.99 -12.47 -18.30
C PHE A 169 0.99 -13.27 -19.60
N GLN A 170 0.01 -13.03 -20.47
CA GLN A 170 -0.07 -13.74 -21.74
C GLN A 170 1.17 -13.51 -22.58
N ILE A 171 1.54 -12.23 -22.77
CA ILE A 171 2.72 -11.92 -23.56
C ILE A 171 3.96 -12.53 -22.95
N SER A 172 4.05 -12.53 -21.61
CA SER A 172 5.21 -13.09 -20.94
C SER A 172 5.30 -14.60 -21.12
N LYS A 173 4.15 -15.27 -21.27
CA LYS A 173 4.16 -16.72 -21.39
C LYS A 173 4.69 -17.21 -22.73
N THR A 174 4.69 -16.36 -23.76
CA THR A 174 5.14 -16.77 -25.09
C THR A 174 6.31 -15.95 -25.63
N ILE A 175 6.85 -15.03 -24.84
CA ILE A 175 7.87 -14.11 -25.34
C ILE A 175 9.14 -14.88 -25.65
N GLU A 176 9.77 -14.56 -26.79
CA GLU A 176 10.96 -15.25 -27.23
C GLU A 176 12.06 -14.32 -27.72
N GLU A 177 11.86 -13.01 -27.68
CA GLU A 177 12.93 -12.07 -27.99
C GLU A 177 12.59 -10.74 -27.33
N TYR A 178 13.62 -9.97 -27.02
CA TYR A 178 13.48 -8.66 -26.42
C TYR A 178 14.53 -7.73 -26.99
N ALA A 179 14.36 -6.44 -26.76
CA ALA A 179 15.28 -5.42 -27.26
C ALA A 179 15.95 -4.74 -26.07
N VAL A 180 17.24 -4.42 -26.23
CA VAL A 180 18.01 -3.77 -25.17
C VAL A 180 19.12 -2.95 -25.83
N CYS A 181 19.58 -1.93 -25.09
CA CYS A 181 20.71 -1.09 -25.49
C CYS A 181 21.82 -1.34 -24.48
N PRO A 182 22.67 -2.35 -24.71
CA PRO A 182 23.57 -2.81 -23.64
C PRO A 182 24.68 -1.84 -23.29
N ASP A 183 25.13 -1.01 -24.21
CA ASP A 183 26.23 -0.10 -23.92
C ASP A 183 25.79 1.18 -23.21
N LEU A 184 24.53 1.27 -22.78
CA LEU A 184 24.00 2.46 -22.14
C LEU A 184 24.24 2.34 -20.63
N LYS A 185 25.07 3.22 -20.09
CA LYS A 185 25.22 3.39 -18.66
C LYS A 185 24.71 4.76 -18.26
N VAL A 186 23.95 4.81 -17.17
CA VAL A 186 23.30 6.04 -16.71
C VAL A 186 23.56 6.20 -15.22
N ASP A 187 23.95 7.41 -14.81
CA ASP A 187 24.21 7.70 -13.40
C ASP A 187 22.90 8.10 -12.74
N LEU A 188 22.40 7.25 -11.86
CA LEU A 188 21.19 7.54 -11.10
C LEU A 188 21.43 8.51 -9.95
N GLY A 189 22.67 8.91 -9.71
CA GLY A 189 23.00 9.73 -8.56
C GLY A 189 22.91 11.22 -8.80
N VAL A 190 23.27 11.66 -10.00
CA VAL A 190 23.32 13.08 -10.31
C VAL A 190 21.97 13.54 -10.86
N LEU A 191 21.44 14.62 -10.29
CA LEU A 191 20.17 15.17 -10.76
C LEU A 191 20.37 15.86 -12.11
N GLY A 192 19.29 15.92 -12.87
CA GLY A 192 19.27 16.64 -14.13
C GLY A 192 19.03 15.72 -15.32
N LYS A 193 19.10 16.34 -16.50
CA LYS A 193 18.87 15.65 -17.75
C LYS A 193 20.11 14.85 -18.16
N GLN A 194 19.87 13.75 -18.88
CA GLN A 194 20.95 12.88 -19.31
C GLN A 194 20.53 12.26 -20.64
N GLN A 195 21.12 12.71 -21.74
CA GLN A 195 20.72 12.27 -23.07
C GLN A 195 21.69 11.23 -23.63
N PHE A 196 21.15 10.38 -24.50
CA PHE A 196 21.90 9.27 -25.07
C PHE A 196 21.63 9.19 -26.57
N ASP A 197 22.71 9.07 -27.34
CA ASP A 197 22.63 8.97 -28.79
C ASP A 197 22.47 7.51 -29.17
N LEU A 198 21.36 7.18 -29.83
CA LEU A 198 21.04 5.81 -30.20
C LEU A 198 21.29 5.59 -31.68
N GLU A 199 21.82 4.42 -32.01
CA GLU A 199 22.09 4.06 -33.39
C GLU A 199 20.78 3.94 -34.17
N ASN A 200 20.81 4.36 -35.43
CA ASN A 200 19.70 4.26 -36.37
C ASN A 200 18.49 5.10 -35.95
N LYS A 201 18.64 5.95 -34.95
CA LYS A 201 17.58 6.85 -34.52
C LYS A 201 18.07 8.29 -34.64
N PHE A 202 17.13 9.20 -34.88
CA PHE A 202 17.43 10.62 -35.03
C PHE A 202 17.22 11.41 -33.75
N LYS A 203 16.18 11.11 -32.99
CA LYS A 203 15.94 11.79 -31.72
C LYS A 203 16.77 11.15 -30.60
N PRO A 204 17.36 11.93 -29.72
CA PRO A 204 18.08 11.37 -28.58
C PRO A 204 17.12 10.87 -27.51
N PHE A 205 17.61 9.91 -26.72
CA PHE A 205 16.85 9.37 -25.62
C PHE A 205 17.18 10.14 -24.35
N THR A 206 16.17 10.38 -23.51
CA THR A 206 16.30 11.26 -22.37
C THR A 206 16.03 10.51 -21.08
N VAL A 207 16.93 10.66 -20.10
CA VAL A 207 16.77 10.14 -18.75
C VAL A 207 16.89 11.34 -17.82
N GLU A 208 15.78 11.73 -17.20
CA GLU A 208 15.75 12.88 -16.30
C GLU A 208 15.73 12.38 -14.87
N ILE A 209 16.77 12.73 -14.11
CA ILE A 209 16.88 12.33 -12.71
C ILE A 209 16.35 13.48 -11.86
N VAL A 210 15.25 13.24 -11.16
CA VAL A 210 14.59 14.27 -10.38
C VAL A 210 14.83 14.00 -8.89
N ASP A 211 14.53 15.01 -8.07
CA ASP A 211 14.55 14.83 -6.62
C ASP A 211 13.48 13.82 -6.23
N SER A 212 13.82 12.95 -5.27
CA SER A 212 12.86 11.94 -4.85
C SER A 212 11.66 12.53 -4.12
N VAL A 213 11.82 13.71 -3.52
CA VAL A 213 10.83 14.24 -2.59
C VAL A 213 10.08 15.46 -3.14
N GLU A 214 10.68 16.23 -4.06
CA GLU A 214 10.25 17.59 -4.31
C GLU A 214 8.80 17.66 -4.78
N ALA A 215 8.45 16.88 -5.81
CA ALA A 215 7.10 16.93 -6.36
C ALA A 215 6.07 16.47 -5.34
N TYR A 216 6.29 15.29 -4.75
CA TYR A 216 5.43 14.79 -3.68
C TYR A 216 5.23 15.85 -2.60
N ALA A 217 6.34 16.46 -2.16
CA ALA A 217 6.26 17.47 -1.11
C ALA A 217 5.43 18.66 -1.54
N THR A 218 5.53 19.06 -2.80
CA THR A 218 4.69 20.15 -3.30
C THR A 218 3.22 19.78 -3.25
N MET A 219 2.90 18.53 -3.62
CA MET A 219 1.51 18.08 -3.58
C MET A 219 0.97 18.11 -2.16
N LEU A 220 1.72 17.56 -1.20
CA LEU A 220 1.30 17.66 0.20
C LEU A 220 1.18 19.11 0.63
N ARG A 221 2.04 19.98 0.12
CA ARG A 221 2.00 21.39 0.48
C ARG A 221 0.72 22.07 -0.01
N SER A 222 0.19 21.62 -1.14
CA SER A 222 -1.09 22.14 -1.61
C SER A 222 -2.29 21.42 -1.01
N ILE A 223 -2.07 20.26 -0.39
CA ILE A 223 -3.18 19.54 0.24
C ILE A 223 -3.42 20.01 1.66
N PHE A 224 -2.36 20.24 2.42
CA PHE A 224 -2.43 20.64 3.82
C PHE A 224 -1.99 22.09 3.99
N ASP A 225 -2.30 22.64 5.15
CA ASP A 225 -1.87 23.99 5.54
C ASP A 225 -0.57 23.82 6.34
N PHE A 226 0.56 24.03 5.66
CA PHE A 226 1.85 23.79 6.30
C PHE A 226 2.19 24.84 7.36
N SER A 227 1.46 25.96 7.41
CA SER A 227 1.67 26.91 8.49
C SER A 227 1.29 26.31 9.83
N ALA A 228 0.06 25.78 9.93
CA ALA A 228 -0.36 25.10 11.14
C ALA A 228 0.58 23.97 11.51
N LEU A 229 1.08 23.23 10.50
CA LEU A 229 2.01 22.14 10.77
C LEU A 229 3.33 22.67 11.34
N LYS A 230 3.80 23.81 10.82
CA LYS A 230 5.05 24.37 11.32
C LYS A 230 4.90 24.88 12.74
N GLU A 231 3.79 25.55 13.05
CA GLU A 231 3.54 25.99 14.42
C GLU A 231 3.37 24.81 15.36
N LEU A 232 2.79 23.71 14.87
CA LEU A 232 2.51 22.55 15.73
C LEU A 232 3.79 21.78 16.05
N LEU A 233 4.60 21.49 15.03
CA LEU A 233 5.74 20.60 15.19
C LEU A 233 7.07 21.32 15.34
N SER A 234 7.09 22.65 15.24
CA SER A 234 8.34 23.38 15.13
C SER A 234 8.73 24.16 16.39
N GLY A 235 7.77 24.80 17.07
CA GLY A 235 8.08 25.73 18.13
C GLY A 235 8.67 25.09 19.37
N PRO A 236 8.82 25.90 20.43
CA PRO A 236 9.30 25.33 21.70
C PRO A 236 8.24 24.49 22.39
N ASN A 237 6.97 24.92 22.32
CA ASN A 237 5.84 24.12 22.79
C ASN A 237 5.38 23.12 21.75
N ARG A 238 6.32 22.52 21.02
CA ARG A 238 5.98 21.62 19.93
C ARG A 238 5.33 20.35 20.46
N LEU A 239 4.57 19.70 19.58
CA LEU A 239 3.96 18.41 19.87
C LEU A 239 5.02 17.33 19.62
N LYS A 240 5.60 16.82 20.70
CA LYS A 240 6.63 15.80 20.60
C LYS A 240 6.10 14.58 19.86
N ILE A 241 6.82 14.16 18.81
CA ILE A 241 6.43 13.03 17.98
C ILE A 241 7.64 12.16 17.69
N ARG A 242 7.37 10.95 17.21
CA ARG A 242 8.41 10.02 16.80
C ARG A 242 7.92 9.28 15.57
N ILE A 243 8.67 9.39 14.47
CA ILE A 243 8.28 8.79 13.20
C ILE A 243 9.32 7.74 12.84
N ASP A 244 8.86 6.50 12.69
CA ASP A 244 9.71 5.35 12.39
C ASP A 244 9.51 4.98 10.92
N ALA A 245 10.52 5.21 10.10
CA ALA A 245 10.45 4.91 8.67
C ALA A 245 10.85 3.47 8.36
N MET A 246 11.26 2.70 9.36
CA MET A 246 11.56 1.27 9.21
C MET A 246 12.65 1.02 8.17
N HIS A 247 13.58 1.98 8.04
CA HIS A 247 14.62 1.94 7.01
C HIS A 247 14.01 1.79 5.62
N GLY A 248 12.81 2.33 5.43
CA GLY A 248 12.09 2.23 4.17
C GLY A 248 12.27 3.46 3.31
N VAL A 249 11.43 3.54 2.26
CA VAL A 249 11.56 4.61 1.28
C VAL A 249 11.07 5.94 1.81
N VAL A 250 10.26 5.97 2.87
CA VAL A 250 9.68 7.22 3.35
C VAL A 250 10.67 8.06 4.15
N GLY A 251 11.85 7.52 4.47
CA GLY A 251 12.86 8.22 5.22
C GLY A 251 13.18 9.62 4.68
N PRO A 252 13.65 9.69 3.43
CA PRO A 252 13.92 11.01 2.84
C PRO A 252 12.73 11.95 2.87
N TYR A 253 11.52 11.42 2.69
CA TYR A 253 10.32 12.26 2.72
C TYR A 253 10.05 12.78 4.12
N VAL A 254 10.23 11.92 5.13
CA VAL A 254 10.08 12.34 6.52
C VAL A 254 11.07 13.45 6.85
N LYS A 255 12.34 13.25 6.47
CA LYS A 255 13.37 14.21 6.83
C LYS A 255 13.19 15.53 6.07
N LYS A 256 12.91 15.48 4.77
CA LYS A 256 12.82 16.71 3.98
C LYS A 256 11.51 17.43 4.22
N ILE A 257 10.45 16.72 4.64
CA ILE A 257 9.13 17.34 4.78
C ILE A 257 8.89 17.70 6.25
N LEU A 258 8.81 16.69 7.11
CA LEU A 258 8.48 16.96 8.51
C LEU A 258 9.60 17.70 9.22
N CYS A 259 10.85 17.29 9.00
CA CYS A 259 11.96 17.86 9.76
C CYS A 259 12.42 19.19 9.15
N GLU A 260 12.82 19.18 7.88
CA GLU A 260 13.39 20.40 7.28
C GLU A 260 12.33 21.47 7.08
N GLU A 261 11.33 21.19 6.24
CA GLU A 261 10.38 22.24 5.88
C GLU A 261 9.42 22.55 7.02
N LEU A 262 8.96 21.54 7.75
CA LEU A 262 7.96 21.76 8.79
C LEU A 262 8.56 22.05 10.15
N GLY A 263 9.83 21.75 10.36
CA GLY A 263 10.55 22.22 11.52
C GLY A 263 10.61 21.31 12.73
N ALA A 264 10.10 20.09 12.63
CA ALA A 264 10.22 19.16 13.74
C ALA A 264 11.68 18.77 13.94
N PRO A 265 12.09 18.49 15.20
CA PRO A 265 13.49 18.13 15.45
C PRO A 265 14.00 16.97 14.60
N ALA A 266 15.32 16.89 14.45
CA ALA A 266 15.91 15.80 13.66
C ALA A 266 15.93 14.49 14.42
N ASN A 267 15.98 14.53 15.74
CA ASN A 267 15.84 13.32 16.55
C ASN A 267 14.40 12.85 16.66
N SER A 268 13.45 13.58 16.06
CA SER A 268 12.07 13.11 16.01
C SER A 268 11.92 11.94 15.05
N ALA A 269 12.72 11.90 14.00
CA ALA A 269 12.69 10.81 13.04
C ALA A 269 13.75 9.76 13.41
N VAL A 270 13.39 8.50 13.23
CA VAL A 270 14.29 7.39 13.47
C VAL A 270 14.16 6.40 12.31
N ASN A 271 15.25 5.69 12.02
CA ASN A 271 15.28 4.72 10.92
C ASN A 271 14.89 5.36 9.59
N CYS A 272 15.26 6.63 9.40
CA CYS A 272 14.88 7.39 8.21
C CYS A 272 15.90 7.26 7.08
N VAL A 273 16.66 6.18 7.04
CA VAL A 273 17.64 5.96 5.98
C VAL A 273 17.30 4.66 5.27
N PRO A 274 16.85 4.72 4.01
CA PRO A 274 16.45 3.50 3.31
C PRO A 274 17.64 2.56 3.09
N LEU A 275 17.50 1.34 3.59
CA LEU A 275 18.54 0.32 3.47
C LEU A 275 18.07 -0.78 2.53
N GLU A 276 19.01 -1.34 1.76
CA GLU A 276 18.65 -2.31 0.73
C GLU A 276 18.07 -3.60 1.31
N ASP A 277 18.26 -3.85 2.60
CA ASP A 277 17.60 -4.96 3.28
C ASP A 277 16.66 -4.47 4.38
N PHE A 278 16.33 -3.17 4.40
CA PHE A 278 15.48 -2.58 5.42
C PHE A 278 16.01 -2.82 6.83
N GLY A 279 17.34 -2.88 6.96
CA GLY A 279 17.97 -3.07 8.26
C GLY A 279 17.75 -4.43 8.89
N GLY A 280 17.38 -5.43 8.10
CA GLY A 280 17.08 -6.74 8.61
C GLY A 280 15.70 -6.91 9.22
N HIS A 281 15.03 -5.81 9.57
CA HIS A 281 13.69 -5.87 10.14
C HIS A 281 12.65 -6.06 9.04
N HIS A 282 11.40 -6.25 9.47
CA HIS A 282 10.29 -6.46 8.56
C HIS A 282 9.66 -5.12 8.23
N PRO A 283 9.70 -4.64 6.98
CA PRO A 283 9.17 -3.31 6.68
C PRO A 283 7.64 -3.26 6.65
N ASP A 284 7.01 -3.73 7.71
CA ASP A 284 5.55 -3.76 7.83
C ASP A 284 5.17 -3.05 9.12
N PRO A 285 4.30 -2.03 9.08
CA PRO A 285 3.93 -1.34 10.32
C PRO A 285 2.77 -2.03 11.02
N ASN A 286 3.05 -2.64 12.16
CA ASN A 286 2.05 -3.12 13.11
C ASN A 286 2.75 -3.33 14.44
N LEU A 287 1.97 -3.67 15.46
CA LEU A 287 2.53 -3.78 16.80
C LEU A 287 3.57 -4.90 16.89
N THR A 288 3.43 -5.94 16.08
CA THR A 288 4.39 -7.04 16.11
C THR A 288 5.69 -6.66 15.40
N TYR A 289 5.60 -6.11 14.20
CA TYR A 289 6.78 -5.76 13.42
C TYR A 289 7.33 -4.38 13.76
N ALA A 290 6.62 -3.58 14.54
CA ALA A 290 7.15 -2.31 15.01
C ALA A 290 7.29 -2.31 16.53
N ALA A 291 8.04 -3.28 17.06
CA ALA A 291 8.22 -3.39 18.50
C ALA A 291 9.05 -2.23 19.05
N ASP A 292 10.13 -1.86 18.35
CA ASP A 292 10.96 -0.77 18.82
C ASP A 292 10.17 0.52 18.96
N LEU A 293 9.23 0.77 18.05
CA LEU A 293 8.47 2.00 18.11
C LEU A 293 7.47 1.98 19.27
N VAL A 294 6.77 0.87 19.47
CA VAL A 294 5.80 0.84 20.56
C VAL A 294 6.50 0.87 21.91
N GLU A 295 7.66 0.24 22.01
CA GLU A 295 8.40 0.25 23.27
C GLU A 295 9.04 1.61 23.53
N THR A 296 9.47 2.32 22.49
CA THR A 296 9.90 3.70 22.74
C THR A 296 8.71 4.56 23.13
N MET A 297 7.53 4.31 22.54
CA MET A 297 6.35 5.07 22.91
C MET A 297 5.81 4.71 24.29
N LYS A 298 6.27 3.60 24.88
CA LYS A 298 5.70 3.12 26.14
C LYS A 298 6.17 3.92 27.36
N SER A 299 7.16 4.81 27.21
CA SER A 299 7.68 5.53 28.37
C SER A 299 6.89 6.79 28.70
N GLY A 300 5.97 7.21 27.83
CA GLY A 300 5.19 8.42 28.05
C GLY A 300 5.94 9.70 27.74
N GLU A 301 6.45 9.81 26.53
CA GLU A 301 7.33 10.89 26.10
C GLU A 301 6.85 11.61 24.86
N HIS A 302 6.34 10.88 23.86
CA HIS A 302 5.77 11.48 22.65
C HIS A 302 4.26 11.34 22.68
N ASP A 303 3.58 12.32 22.08
CA ASP A 303 2.13 12.27 21.98
C ASP A 303 1.64 11.62 20.68
N PHE A 304 2.53 11.38 19.72
CA PHE A 304 2.15 10.84 18.42
C PHE A 304 3.31 10.06 17.84
N GLY A 305 3.05 8.80 17.49
CA GLY A 305 4.02 7.99 16.79
C GLY A 305 3.44 7.47 15.49
N ALA A 306 4.27 7.10 14.53
CA ALA A 306 3.77 6.63 13.25
C ALA A 306 4.83 5.79 12.56
N ALA A 307 4.39 4.77 11.85
CA ALA A 307 5.29 3.90 11.11
C ALA A 307 4.80 3.73 9.68
N PHE A 308 5.73 3.45 8.78
CA PHE A 308 5.41 3.23 7.37
C PHE A 308 5.95 1.87 6.93
N ASP A 309 5.50 1.43 5.77
CA ASP A 309 5.98 0.19 5.21
C ASP A 309 7.04 0.50 4.14
N GLY A 310 7.43 -0.54 3.38
CA GLY A 310 8.57 -0.41 2.49
C GLY A 310 8.40 0.67 1.43
N ASP A 311 7.25 0.65 0.75
CA ASP A 311 7.04 1.55 -0.39
C ASP A 311 6.20 2.77 -0.03
N GLY A 312 5.68 2.85 1.18
CA GLY A 312 5.12 4.09 1.68
C GLY A 312 3.63 4.31 1.49
N ASP A 313 2.87 3.27 1.13
CA ASP A 313 1.42 3.44 1.03
C ASP A 313 0.68 3.00 2.28
N ARG A 314 1.37 2.43 3.27
CA ARG A 314 0.75 2.03 4.53
C ARG A 314 1.33 2.83 5.68
N ASN A 315 0.56 2.87 6.78
CA ASN A 315 0.93 3.67 7.94
C ASN A 315 0.28 3.10 9.19
N MET A 316 0.97 3.27 10.32
CA MET A 316 0.44 2.98 11.63
C MET A 316 0.47 4.25 12.47
N ILE A 317 -0.64 4.51 13.16
CA ILE A 317 -0.84 5.72 13.95
C ILE A 317 -0.92 5.31 15.41
N LEU A 318 -0.08 5.93 16.24
CA LEU A 318 -0.02 5.63 17.67
C LEU A 318 -0.10 6.92 18.48
N GLY A 319 -0.68 6.79 19.68
CA GLY A 319 -0.79 7.90 20.60
C GLY A 319 0.20 7.81 21.75
N LYS A 320 -0.05 8.62 22.78
CA LYS A 320 0.82 8.65 23.94
C LYS A 320 0.81 7.32 24.67
N HIS A 321 1.92 7.01 25.34
CA HIS A 321 2.12 5.78 26.10
C HIS A 321 1.95 4.53 25.26
N GLY A 322 1.97 4.66 23.93
CA GLY A 322 1.74 3.52 23.05
C GLY A 322 0.30 3.25 22.70
N PHE A 323 -0.57 4.24 22.82
CA PHE A 323 -1.98 4.06 22.46
C PHE A 323 -2.12 3.76 20.98
N PHE A 324 -2.91 2.74 20.66
CA PHE A 324 -2.99 2.20 19.31
C PHE A 324 -4.38 2.47 18.73
N VAL A 325 -4.45 3.36 17.75
CA VAL A 325 -5.66 3.56 16.98
C VAL A 325 -5.57 2.69 15.73
N ASN A 326 -6.35 1.61 15.70
CA ASN A 326 -6.25 0.67 14.60
C ASN A 326 -6.65 1.34 13.29
N PRO A 327 -6.12 0.88 12.16
CA PRO A 327 -6.41 1.54 10.87
C PRO A 327 -7.90 1.78 10.61
N SER A 328 -8.74 0.78 10.88
CA SER A 328 -10.18 0.93 10.70
C SER A 328 -10.72 2.12 11.48
N ASP A 329 -10.14 2.41 12.64
CA ASP A 329 -10.54 3.59 13.40
C ASP A 329 -9.87 4.86 12.86
N SER A 330 -8.59 4.77 12.52
CA SER A 330 -7.87 5.93 12.01
C SER A 330 -8.60 6.57 10.84
N VAL A 331 -9.07 5.75 9.89
CA VAL A 331 -9.79 6.30 8.75
C VAL A 331 -11.12 6.91 9.18
N ALA A 332 -11.71 6.39 10.27
CA ALA A 332 -12.98 6.91 10.75
C ALA A 332 -12.80 8.24 11.48
N VAL A 333 -11.67 8.45 12.14
CA VAL A 333 -11.37 9.76 12.72
C VAL A 333 -11.12 10.77 11.62
N ILE A 334 -10.30 10.39 10.63
CA ILE A 334 -10.03 11.28 9.51
C ILE A 334 -11.33 11.67 8.80
N ALA A 335 -12.25 10.71 8.65
CA ALA A 335 -13.55 11.05 8.08
C ALA A 335 -14.37 11.92 9.00
N ALA A 336 -14.31 11.65 10.31
CA ALA A 336 -15.14 12.38 11.27
C ALA A 336 -14.75 13.84 11.36
N ASN A 337 -13.49 14.17 11.12
CA ASN A 337 -13.05 15.56 11.04
C ASN A 337 -12.34 15.81 9.73
N ILE A 338 -12.95 15.35 8.64
CA ILE A 338 -12.34 15.43 7.32
C ILE A 338 -12.18 16.87 6.88
N PHE A 339 -13.02 17.78 7.38
CA PHE A 339 -12.98 19.18 6.98
C PHE A 339 -11.91 19.98 7.73
N SER A 340 -11.02 19.32 8.46
CA SER A 340 -9.84 19.98 8.99
C SER A 340 -8.69 20.03 7.99
N ILE A 341 -8.84 19.36 6.85
CA ILE A 341 -7.84 19.35 5.79
C ILE A 341 -8.33 20.26 4.67
N PRO A 342 -7.55 21.28 4.29
CA PRO A 342 -8.01 22.19 3.21
C PRO A 342 -8.39 21.48 1.92
N TYR A 343 -7.74 20.35 1.62
CA TYR A 343 -8.02 19.65 0.36
C TYR A 343 -9.48 19.23 0.26
N PHE A 344 -10.02 18.61 1.31
CA PHE A 344 -11.41 18.18 1.29
C PHE A 344 -12.36 19.36 1.41
N GLN A 345 -11.92 20.45 2.03
CA GLN A 345 -12.67 21.71 1.94
C GLN A 345 -12.85 22.10 0.48
N GLN A 346 -11.79 21.96 -0.31
CA GLN A 346 -11.84 22.33 -1.73
C GLN A 346 -12.73 21.36 -2.52
N THR A 347 -12.58 20.06 -2.29
CA THR A 347 -13.29 19.06 -3.08
C THR A 347 -14.68 18.73 -2.53
N GLY A 348 -14.89 18.84 -1.23
CA GLY A 348 -16.05 18.27 -0.60
C GLY A 348 -15.89 16.76 -0.41
N VAL A 349 -16.86 16.17 0.28
CA VAL A 349 -16.82 14.74 0.57
C VAL A 349 -17.51 14.04 -0.59
N ARG A 350 -16.71 13.48 -1.50
CA ARG A 350 -17.28 12.80 -2.66
C ARG A 350 -17.83 11.42 -2.29
N GLY A 351 -17.31 10.83 -1.23
CA GLY A 351 -17.75 9.52 -0.80
C GLY A 351 -16.75 8.89 0.14
N PHE A 352 -17.19 7.78 0.74
CA PHE A 352 -16.35 7.00 1.63
C PHE A 352 -16.34 5.56 1.15
N ALA A 353 -15.24 4.86 1.43
CA ALA A 353 -15.12 3.47 1.03
C ALA A 353 -14.18 2.73 1.96
N ARG A 354 -14.44 1.44 2.14
CA ARG A 354 -13.59 0.56 2.93
C ARG A 354 -13.70 -0.85 2.35
N SER A 355 -12.66 -1.63 2.56
CA SER A 355 -12.72 -3.03 2.16
C SER A 355 -13.64 -3.79 3.11
N MET A 356 -14.24 -4.87 2.60
CA MET A 356 -15.16 -5.66 3.41
C MET A 356 -14.56 -6.14 4.73
N PRO A 357 -13.32 -6.64 4.78
CA PRO A 357 -12.76 -7.03 6.09
C PRO A 357 -12.58 -5.87 7.06
N THR A 358 -12.50 -4.64 6.58
CA THR A 358 -12.31 -3.49 7.45
C THR A 358 -13.54 -3.27 8.32
N SER A 359 -13.32 -2.84 9.56
CA SER A 359 -14.40 -2.63 10.51
C SER A 359 -15.32 -1.51 10.04
N GLY A 360 -16.54 -1.51 10.58
CA GLY A 360 -17.56 -0.56 10.17
C GLY A 360 -17.50 0.78 10.85
N ALA A 361 -16.32 1.15 11.38
CA ALA A 361 -16.18 2.44 12.03
C ALA A 361 -16.42 3.58 11.05
N LEU A 362 -15.93 3.43 9.82
CA LEU A 362 -16.18 4.44 8.79
C LEU A 362 -17.66 4.51 8.45
N ASP A 363 -18.34 3.36 8.45
CA ASP A 363 -19.76 3.32 8.11
C ASP A 363 -20.58 4.23 9.01
N ARG A 364 -20.16 4.41 10.27
CA ARG A 364 -20.93 5.23 11.20
C ARG A 364 -20.79 6.71 10.85
N VAL A 365 -19.59 7.15 10.50
CA VAL A 365 -19.41 8.54 10.05
C VAL A 365 -20.12 8.76 8.72
N ALA A 366 -20.21 7.72 7.88
CA ALA A 366 -20.94 7.86 6.63
C ALA A 366 -22.43 7.97 6.87
N SER A 367 -22.97 7.21 7.83
CA SER A 367 -24.40 7.26 8.12
C SER A 367 -24.78 8.56 8.81
N ALA A 368 -23.91 9.07 9.69
CA ALA A 368 -24.22 10.30 10.41
C ALA A 368 -24.16 11.54 9.54
N THR A 369 -23.39 11.50 8.44
CA THR A 369 -23.21 12.65 7.56
C THR A 369 -23.91 12.47 6.22
N LYS A 370 -24.71 11.41 6.06
CA LYS A 370 -25.44 11.13 4.83
C LYS A 370 -24.51 11.17 3.61
N ILE A 371 -23.58 10.23 3.61
CA ILE A 371 -22.57 10.10 2.57
C ILE A 371 -22.53 8.66 2.11
N ALA A 372 -22.45 8.44 0.80
CA ALA A 372 -22.37 7.09 0.26
C ALA A 372 -21.15 6.37 0.80
N LEU A 373 -21.32 5.07 1.07
CA LEU A 373 -20.22 4.23 1.52
C LEU A 373 -20.22 2.93 0.73
N TYR A 374 -19.07 2.58 0.16
CA TYR A 374 -18.93 1.39 -0.67
C TYR A 374 -18.05 0.39 0.05
N GLU A 375 -18.59 -0.82 0.26
CA GLU A 375 -17.87 -1.92 0.91
C GLU A 375 -17.30 -2.80 -0.19
N THR A 376 -16.07 -2.51 -0.60
CA THR A 376 -15.43 -3.16 -1.72
C THR A 376 -14.65 -4.40 -1.27
N PRO A 377 -14.32 -5.29 -2.20
CA PRO A 377 -13.41 -6.39 -1.86
C PRO A 377 -12.00 -5.86 -1.60
N THR A 378 -11.15 -6.77 -1.15
CA THR A 378 -9.75 -6.45 -0.97
C THR A 378 -9.12 -6.08 -2.30
N GLY A 379 -8.33 -5.01 -2.30
CA GLY A 379 -7.66 -4.58 -3.52
C GLY A 379 -7.96 -3.14 -3.89
N TRP A 380 -7.15 -2.58 -4.77
CA TRP A 380 -7.32 -1.18 -5.17
C TRP A 380 -8.33 -0.98 -6.28
N LYS A 381 -8.53 -1.97 -7.14
CA LYS A 381 -9.32 -1.83 -8.36
C LYS A 381 -10.62 -1.06 -8.14
N PHE A 382 -11.38 -1.45 -7.10
CA PHE A 382 -12.69 -0.86 -6.88
C PHE A 382 -12.57 0.56 -6.36
N PHE A 383 -11.58 0.82 -5.49
CA PHE A 383 -11.34 2.18 -5.01
C PHE A 383 -11.04 3.13 -6.16
N GLY A 384 -10.20 2.69 -7.11
CA GLY A 384 -9.90 3.53 -8.26
C GLY A 384 -11.09 3.69 -9.18
N ASN A 385 -11.86 2.62 -9.38
CA ASN A 385 -13.10 2.73 -10.15
C ASN A 385 -14.01 3.80 -9.58
N LEU A 386 -14.15 3.84 -8.25
CA LEU A 386 -15.00 4.85 -7.62
C LEU A 386 -14.38 6.24 -7.71
N MET A 387 -13.06 6.34 -7.53
CA MET A 387 -12.42 7.65 -7.56
C MET A 387 -12.53 8.31 -8.93
N ASP A 388 -12.34 7.53 -9.99
CA ASP A 388 -12.47 8.08 -11.34
C ASP A 388 -13.89 8.52 -11.66
N ALA A 389 -14.88 8.11 -10.86
CA ALA A 389 -16.26 8.51 -11.06
C ALA A 389 -16.69 9.65 -10.13
N SER A 390 -15.74 10.28 -9.43
CA SER A 390 -16.01 11.33 -8.47
C SER A 390 -17.00 10.87 -7.39
N LYS A 391 -16.92 9.59 -7.03
CA LYS A 391 -17.80 9.01 -6.02
C LYS A 391 -17.04 8.58 -4.77
N LEU A 392 -15.80 9.00 -4.62
CA LEU A 392 -14.99 8.56 -3.48
C LEU A 392 -13.91 9.60 -3.23
N SER A 393 -13.83 10.06 -1.99
CA SER A 393 -12.80 11.03 -1.61
C SER A 393 -11.87 10.52 -0.51
N LEU A 394 -12.36 9.68 0.40
CA LEU A 394 -11.55 9.10 1.46
C LEU A 394 -11.85 7.62 1.58
N CYS A 395 -10.79 6.81 1.67
CA CYS A 395 -10.94 5.36 1.75
C CYS A 395 -9.82 4.79 2.62
N GLY A 396 -10.06 3.58 3.12
CA GLY A 396 -9.09 2.94 3.99
C GLY A 396 -9.26 1.44 3.99
N GLU A 397 -8.15 0.74 4.18
CA GLU A 397 -8.12 -0.71 4.37
C GLU A 397 -7.58 -1.03 5.75
N GLU A 398 -8.11 -2.11 6.34
CA GLU A 398 -7.64 -2.57 7.64
C GLU A 398 -6.14 -2.86 7.64
N SER A 399 -5.60 -3.25 6.48
CA SER A 399 -4.18 -3.58 6.37
C SER A 399 -3.32 -2.32 6.43
N PHE A 400 -3.63 -1.44 7.39
CA PHE A 400 -2.89 -0.19 7.59
C PHE A 400 -2.89 0.65 6.32
N GLY A 401 -4.03 0.70 5.64
CA GLY A 401 -4.18 1.46 4.41
C GLY A 401 -5.08 2.67 4.63
N THR A 402 -4.59 3.83 4.22
CA THR A 402 -5.38 5.06 4.27
C THR A 402 -5.02 5.91 3.05
N GLY A 403 -6.05 6.39 2.35
CA GLY A 403 -5.77 7.22 1.19
C GLY A 403 -6.99 8.02 0.80
N SER A 404 -6.73 9.04 -0.03
CA SER A 404 -7.77 9.88 -0.61
C SER A 404 -7.71 9.78 -2.12
N ASP A 405 -8.50 10.61 -2.79
CA ASP A 405 -8.51 10.65 -4.25
C ASP A 405 -7.54 11.68 -4.82
N HIS A 406 -6.59 12.17 -4.02
CA HIS A 406 -5.59 13.08 -4.54
C HIS A 406 -4.68 12.38 -5.53
N ILE A 407 -4.37 11.11 -5.28
CA ILE A 407 -3.66 10.27 -6.25
C ILE A 407 -4.41 8.96 -6.38
N ARG A 408 -3.80 7.99 -7.07
CA ARG A 408 -4.43 6.70 -7.28
C ARG A 408 -3.65 5.57 -6.60
N GLU A 409 -3.04 5.87 -5.46
CA GLU A 409 -2.48 4.89 -4.56
C GLU A 409 -2.72 5.36 -3.13
N LYS A 410 -2.67 4.43 -2.19
CA LYS A 410 -2.76 4.83 -0.80
C LYS A 410 -1.45 5.51 -0.37
N ASP A 411 -1.51 6.28 0.70
CA ASP A 411 -0.43 7.20 1.05
C ASP A 411 -0.28 7.24 2.56
N GLY A 412 0.88 6.77 3.05
CA GLY A 412 1.10 6.74 4.49
C GLY A 412 1.41 8.11 5.07
N LEU A 413 2.38 8.81 4.47
CA LEU A 413 2.75 10.12 4.98
C LEU A 413 1.61 11.12 4.85
N TRP A 414 0.77 10.96 3.82
CA TRP A 414 -0.42 11.79 3.72
C TRP A 414 -1.34 11.57 4.90
N ALA A 415 -1.54 10.31 5.29
CA ALA A 415 -2.39 10.02 6.44
C ALA A 415 -1.79 10.58 7.72
N VAL A 416 -0.46 10.52 7.84
CA VAL A 416 0.20 11.11 9.01
C VAL A 416 -0.06 12.61 9.05
N LEU A 417 0.19 13.31 7.93
CA LEU A 417 -0.02 14.76 7.89
C LEU A 417 -1.48 15.11 8.14
N ALA A 418 -2.41 14.26 7.70
CA ALA A 418 -3.81 14.46 8.05
C ALA A 418 -4.03 14.36 9.54
N TRP A 419 -3.38 13.38 10.18
CA TRP A 419 -3.52 13.20 11.62
C TRP A 419 -2.91 14.37 12.39
N LEU A 420 -1.83 14.95 11.86
CA LEU A 420 -1.24 16.11 12.53
C LEU A 420 -2.09 17.35 12.33
N SER A 421 -2.70 17.48 11.15
CA SER A 421 -3.61 18.60 10.92
C SER A 421 -4.82 18.52 11.83
N ILE A 422 -5.39 17.33 11.99
CA ILE A 422 -6.56 17.19 12.86
C ILE A 422 -6.15 17.32 14.33
N LEU A 423 -4.93 16.90 14.69
CA LEU A 423 -4.44 17.12 16.05
C LEU A 423 -4.34 18.61 16.33
N ALA A 424 -3.69 19.36 15.44
CA ALA A 424 -3.58 20.80 15.61
C ALA A 424 -4.95 21.47 15.65
N THR A 425 -5.89 20.97 14.86
CA THR A 425 -7.23 21.55 14.83
C THR A 425 -7.95 21.33 16.16
N ARG A 426 -8.12 20.07 16.54
CA ARG A 426 -8.93 19.74 17.70
C ARG A 426 -8.23 20.04 19.02
N LYS A 427 -6.90 20.20 19.00
CA LYS A 427 -6.13 20.59 20.19
C LYS A 427 -6.32 19.60 21.34
N GLN A 428 -6.30 18.31 21.01
CA GLN A 428 -6.39 17.24 22.00
C GLN A 428 -5.34 16.17 21.70
N SER A 429 -5.17 15.26 22.66
CA SER A 429 -4.31 14.10 22.49
C SER A 429 -5.02 13.04 21.66
N VAL A 430 -4.22 12.13 21.08
CA VAL A 430 -4.76 11.08 20.22
C VAL A 430 -5.78 10.25 20.99
N GLU A 431 -5.47 9.90 22.24
CA GLU A 431 -6.37 9.09 23.04
C GLU A 431 -7.69 9.81 23.32
N ASP A 432 -7.62 11.14 23.54
CA ASP A 432 -8.84 11.91 23.76
C ASP A 432 -9.67 11.97 22.49
N ILE A 433 -9.03 12.19 21.33
CA ILE A 433 -9.75 12.20 20.06
C ILE A 433 -10.43 10.86 19.83
N LEU A 434 -9.71 9.77 20.07
CA LEU A 434 -10.26 8.43 19.82
C LEU A 434 -11.42 8.13 20.77
N LYS A 435 -11.26 8.45 22.05
CA LYS A 435 -12.31 8.15 23.02
C LYS A 435 -13.56 8.98 22.73
N ASP A 436 -13.38 10.29 22.52
CA ASP A 436 -14.52 11.14 22.15
C ASP A 436 -15.19 10.62 20.89
N HIS A 437 -14.40 10.11 19.94
CA HIS A 437 -14.99 9.51 18.74
C HIS A 437 -15.81 8.27 19.08
N TRP A 438 -15.29 7.43 19.98
CA TRP A 438 -15.99 6.21 20.36
C TRP A 438 -17.33 6.54 21.01
N GLN A 439 -17.33 7.51 21.94
CA GLN A 439 -18.60 7.90 22.56
C GLN A 439 -19.51 8.61 21.56
N LYS A 440 -18.94 9.24 20.52
CA LYS A 440 -19.76 9.96 19.56
C LYS A 440 -20.47 9.01 18.61
N TYR A 441 -19.76 8.00 18.09
CA TYR A 441 -20.31 7.13 17.05
C TYR A 441 -20.46 5.67 17.48
N GLY A 442 -20.08 5.32 18.70
CA GLY A 442 -19.93 3.92 19.08
C GLY A 442 -18.58 3.38 18.68
N ARG A 443 -18.17 2.31 19.34
CA ARG A 443 -16.89 1.68 19.08
C ARG A 443 -17.07 0.39 18.30
N ASN A 444 -16.20 0.18 17.32
CA ASN A 444 -16.11 -1.05 16.55
C ASN A 444 -14.83 -1.76 17.02
N PHE A 445 -14.98 -2.63 18.00
CA PHE A 445 -13.88 -3.50 18.41
C PHE A 445 -13.47 -4.37 17.23
N PHE A 446 -12.22 -4.24 16.80
CA PHE A 446 -11.72 -4.93 15.63
C PHE A 446 -10.45 -5.70 15.97
N THR A 447 -10.30 -6.87 15.36
CA THR A 447 -9.05 -7.63 15.46
C THR A 447 -8.85 -8.42 14.19
N ARG A 448 -7.60 -8.78 13.93
CA ARG A 448 -7.26 -9.63 12.79
C ARG A 448 -6.14 -10.58 13.18
N TYR A 449 -6.39 -11.87 12.98
CA TYR A 449 -5.40 -12.92 13.18
C TYR A 449 -4.86 -13.36 11.83
N ASP A 450 -3.54 -13.46 11.73
CA ASP A 450 -2.89 -13.99 10.54
C ASP A 450 -2.17 -15.27 10.90
N TYR A 451 -2.55 -16.35 10.21
CA TYR A 451 -1.87 -17.65 10.27
C TYR A 451 -1.06 -17.76 8.98
N GLU A 452 0.24 -17.47 9.08
CA GLU A 452 1.10 -17.30 7.92
C GLU A 452 1.62 -18.64 7.42
N GLU A 453 1.57 -18.82 6.10
CA GLU A 453 2.10 -19.99 5.40
C GLU A 453 1.68 -21.30 6.05
N VAL A 454 0.42 -21.69 5.83
CA VAL A 454 -0.09 -23.01 6.16
C VAL A 454 -0.24 -23.77 4.85
N GLU A 455 -0.05 -25.10 4.91
CA GLU A 455 -0.17 -25.94 3.73
C GLU A 455 -1.56 -25.79 3.13
N ALA A 456 -1.60 -25.39 1.86
CA ALA A 456 -2.86 -25.14 1.16
C ALA A 456 -3.68 -26.42 1.05
N GLU A 457 -4.92 -26.26 0.59
CA GLU A 457 -5.87 -27.36 0.44
C GLU A 457 -6.29 -27.94 1.79
N GLY A 458 -5.45 -27.79 2.81
CA GLY A 458 -5.95 -27.84 4.18
C GLY A 458 -6.70 -26.57 4.51
N ALA A 459 -6.13 -25.42 4.13
CA ALA A 459 -6.86 -24.16 4.21
C ALA A 459 -7.99 -24.11 3.20
N ASN A 460 -7.75 -24.59 1.97
CA ASN A 460 -8.82 -24.62 0.97
C ASN A 460 -9.92 -25.58 1.39
N LYS A 461 -9.56 -26.71 2.00
CA LYS A 461 -10.56 -27.62 2.54
C LYS A 461 -11.35 -26.93 3.64
N MET A 462 -10.67 -26.19 4.52
CA MET A 462 -11.37 -25.42 5.55
C MET A 462 -12.33 -24.41 4.95
N MET A 463 -11.99 -23.82 3.81
CA MET A 463 -12.85 -22.82 3.19
C MET A 463 -14.05 -23.46 2.50
N LYS A 464 -13.85 -24.55 1.76
CA LYS A 464 -14.96 -25.22 1.10
C LYS A 464 -15.92 -25.82 2.11
N ASP A 465 -15.40 -26.61 3.04
CA ASP A 465 -16.25 -27.23 4.06
C ASP A 465 -16.90 -26.16 4.93
N LEU A 466 -16.16 -25.09 5.25
CA LEU A 466 -16.72 -24.02 6.07
C LEU A 466 -17.87 -23.33 5.33
N GLU A 467 -17.71 -23.07 4.03
CA GLU A 467 -18.77 -22.42 3.27
C GLU A 467 -19.99 -23.32 3.15
N ALA A 468 -19.77 -24.62 2.92
CA ALA A 468 -20.88 -25.57 2.90
C ALA A 468 -21.62 -25.55 4.23
N LEU A 469 -20.88 -25.51 5.34
CA LEU A 469 -21.50 -25.38 6.65
C LEU A 469 -22.28 -24.08 6.78
N MET A 470 -21.78 -23.01 6.17
CA MET A 470 -22.44 -21.71 6.28
C MET A 470 -23.76 -21.70 5.51
N PHE A 471 -23.81 -22.36 4.35
CA PHE A 471 -25.06 -22.44 3.60
C PHE A 471 -25.78 -23.71 4.04
N ASP A 472 -26.63 -23.56 5.06
CA ASP A 472 -27.46 -24.65 5.55
C ASP A 472 -28.65 -24.02 6.25
N ARG A 473 -29.84 -24.58 6.01
CA ARG A 473 -31.04 -24.03 6.62
C ARG A 473 -30.99 -24.13 8.14
N SER A 474 -30.32 -25.15 8.66
CA SER A 474 -30.08 -25.28 10.09
C SER A 474 -28.82 -24.54 10.55
N PHE A 475 -28.49 -23.41 9.90
CA PHE A 475 -27.34 -22.61 10.32
C PHE A 475 -27.73 -21.16 10.64
N VAL A 476 -28.49 -20.51 9.77
CA VAL A 476 -28.91 -19.13 10.04
C VAL A 476 -29.92 -19.13 11.18
N GLY A 477 -29.55 -18.50 12.29
CA GLY A 477 -30.37 -18.50 13.49
C GLY A 477 -29.85 -19.35 14.63
N LYS A 478 -28.68 -19.97 14.48
CA LYS A 478 -28.15 -20.85 15.51
C LYS A 478 -27.47 -20.06 16.62
N GLN A 479 -27.61 -20.55 17.85
CA GLN A 479 -27.06 -19.86 19.01
C GLN A 479 -25.61 -20.23 19.23
N PHE A 480 -24.80 -19.24 19.57
CA PHE A 480 -23.42 -19.45 19.98
C PHE A 480 -23.08 -18.42 21.06
N SER A 481 -22.18 -18.81 21.96
CA SER A 481 -21.62 -17.88 22.94
C SER A 481 -20.52 -18.60 23.71
N ALA A 482 -19.80 -17.82 24.52
CA ALA A 482 -18.86 -18.34 25.51
C ALA A 482 -19.00 -17.48 26.76
N ASN A 483 -20.22 -17.47 27.31
CA ASN A 483 -20.59 -16.59 28.41
C ASN A 483 -20.31 -15.13 28.04
N VAL A 486 -24.69 -13.49 24.09
CA VAL A 486 -24.97 -14.61 23.19
C VAL A 486 -25.21 -14.09 21.77
N TYR A 487 -24.65 -14.79 20.79
CA TYR A 487 -24.74 -14.41 19.38
C TYR A 487 -25.58 -15.43 18.61
N THR A 488 -26.37 -14.94 17.65
CA THR A 488 -27.15 -15.80 16.77
C THR A 488 -26.91 -15.41 15.33
N VAL A 489 -26.69 -16.40 14.48
CA VAL A 489 -26.35 -16.15 13.08
C VAL A 489 -27.51 -15.47 12.37
N GLU A 490 -27.19 -14.47 11.57
CA GLU A 490 -28.18 -13.74 10.78
C GLU A 490 -27.97 -13.89 9.29
N LYS A 491 -26.72 -13.87 8.82
CA LYS A 491 -26.44 -13.95 7.39
C LYS A 491 -25.02 -14.45 7.19
N ALA A 492 -24.89 -15.63 6.58
CA ALA A 492 -23.59 -16.19 6.22
C ALA A 492 -23.53 -16.32 4.71
N ASP A 493 -22.41 -15.90 4.12
CA ASP A 493 -22.32 -15.89 2.66
C ASP A 493 -20.86 -15.85 2.23
N ASN A 494 -20.66 -15.89 0.92
CA ASN A 494 -19.36 -15.67 0.29
C ASN A 494 -19.44 -14.31 -0.40
N PHE A 495 -18.76 -13.32 0.18
CA PHE A 495 -18.98 -11.92 -0.19
C PHE A 495 -18.81 -11.69 -1.68
N GLU A 496 -19.89 -11.29 -2.33
CA GLU A 496 -19.89 -10.92 -3.74
C GLU A 496 -20.09 -9.42 -3.87
N TYR A 497 -19.45 -8.83 -4.87
CA TYR A 497 -19.49 -7.39 -5.06
C TYR A 497 -19.70 -7.07 -6.53
N SER A 498 -20.74 -6.29 -6.82
CA SER A 498 -21.02 -5.80 -8.17
C SER A 498 -20.56 -4.35 -8.26
N ASP A 499 -19.62 -4.09 -9.15
CA ASP A 499 -19.07 -2.75 -9.30
C ASP A 499 -20.08 -1.83 -9.96
N PRO A 500 -20.46 -0.71 -9.35
CA PRO A 500 -21.46 0.19 -9.94
C PRO A 500 -20.90 1.18 -10.94
N VAL A 501 -19.66 1.01 -11.40
CA VAL A 501 -19.05 1.87 -12.40
C VAL A 501 -18.87 1.15 -13.73
N ASP A 502 -18.20 -0.01 -13.70
CA ASP A 502 -17.96 -0.80 -14.91
C ASP A 502 -18.77 -2.09 -14.94
N GLY A 503 -19.64 -2.32 -13.96
CA GLY A 503 -20.46 -3.51 -13.95
C GLY A 503 -19.73 -4.80 -13.62
N SER A 504 -18.46 -4.72 -13.23
CA SER A 504 -17.69 -5.92 -12.94
C SER A 504 -18.26 -6.62 -11.71
N ILE A 505 -18.32 -7.95 -11.78
CA ILE A 505 -18.81 -8.79 -10.69
C ILE A 505 -17.63 -9.59 -10.13
N SER A 506 -17.55 -9.66 -8.80
CA SER A 506 -16.44 -10.31 -8.12
C SER A 506 -16.98 -11.22 -7.02
N ARG A 507 -16.57 -12.48 -7.03
CA ARG A 507 -17.10 -13.50 -6.12
C ARG A 507 -16.00 -14.05 -5.22
N ASN A 508 -16.40 -15.00 -4.37
CA ASN A 508 -15.61 -15.45 -3.23
C ASN A 508 -15.32 -14.27 -2.31
N GLN A 509 -14.12 -13.71 -2.43
CA GLN A 509 -13.67 -12.52 -1.72
C GLN A 509 -13.79 -12.64 -0.21
N GLY A 510 -14.03 -13.84 0.33
CA GLY A 510 -14.09 -13.97 1.78
C GLY A 510 -15.43 -14.38 2.32
N LEU A 511 -15.42 -15.39 3.19
CA LEU A 511 -16.63 -15.85 3.86
C LEU A 511 -17.01 -14.90 4.98
N ARG A 512 -18.30 -14.61 5.08
CA ARG A 512 -18.84 -13.66 6.05
C ARG A 512 -19.86 -14.34 6.94
N LEU A 513 -19.72 -14.12 8.25
CA LEU A 513 -20.68 -14.54 9.27
C LEU A 513 -21.15 -13.28 10.00
N ILE A 514 -22.37 -12.85 9.69
CA ILE A 514 -22.95 -11.65 10.28
C ILE A 514 -24.05 -12.07 11.25
N PHE A 515 -24.03 -11.51 12.45
CA PHE A 515 -24.97 -11.85 13.50
C PHE A 515 -25.98 -10.71 13.70
N THR A 516 -26.92 -10.94 14.62
CA THR A 516 -28.02 -10.00 14.83
C THR A 516 -27.61 -8.74 15.59
N ASP A 517 -26.45 -8.75 16.25
CA ASP A 517 -25.94 -7.56 16.91
C ASP A 517 -24.99 -6.76 16.02
N GLY A 518 -24.90 -7.10 14.74
CA GLY A 518 -24.05 -6.41 13.80
C GLY A 518 -22.63 -6.93 13.72
N SER A 519 -22.24 -7.82 14.61
CA SER A 519 -20.87 -8.32 14.64
C SER A 519 -20.62 -9.30 13.50
N ARG A 520 -19.38 -9.29 13.00
CA ARG A 520 -18.99 -10.03 11.81
C ARG A 520 -17.71 -10.82 12.08
N ILE A 521 -17.69 -12.04 11.55
CA ILE A 521 -16.48 -12.86 11.48
C ILE A 521 -16.21 -13.13 10.00
N VAL A 522 -15.05 -12.70 9.52
CA VAL A 522 -14.67 -12.85 8.12
C VAL A 522 -13.49 -13.79 8.01
N PHE A 523 -13.55 -14.72 7.06
CA PHE A 523 -12.44 -15.61 6.74
C PHE A 523 -12.00 -15.34 5.32
N ARG A 524 -10.70 -15.08 5.14
CA ARG A 524 -10.16 -14.80 3.82
C ARG A 524 -8.86 -15.56 3.62
N LEU A 525 -8.73 -16.18 2.44
CA LEU A 525 -7.47 -16.75 2.00
C LEU A 525 -6.66 -15.67 1.30
N SER A 526 -5.36 -15.66 1.56
CA SER A 526 -4.51 -14.57 1.11
C SER A 526 -4.15 -14.70 -0.36
N GLY A 527 -3.88 -13.55 -0.98
CA GLY A 527 -3.36 -13.49 -2.33
C GLY A 527 -2.00 -12.82 -2.33
N THR A 528 -1.53 -12.41 -1.14
CA THR A 528 -0.19 -11.87 -0.98
C THR A 528 0.87 -12.95 -0.91
N GLY A 529 0.48 -14.18 -0.57
CA GLY A 529 1.44 -15.21 -0.20
C GLY A 529 2.21 -15.78 -1.37
N SER A 530 3.29 -16.47 -1.01
CA SER A 530 4.16 -17.12 -1.98
C SER A 530 3.93 -18.62 -1.87
N ALA A 531 4.67 -19.33 -1.01
CA ALA A 531 4.49 -20.77 -0.86
C ALA A 531 3.38 -21.06 0.15
N GLY A 532 2.50 -21.99 -0.21
CA GLY A 532 1.40 -22.35 0.66
C GLY A 532 0.28 -21.33 0.65
N ALA A 533 -0.34 -21.12 1.80
CA ALA A 533 -1.43 -20.15 1.92
C ALA A 533 -1.40 -19.53 3.30
N THR A 534 -1.96 -18.33 3.41
CA THR A 534 -2.08 -17.61 4.67
C THR A 534 -3.55 -17.41 4.98
N ILE A 535 -3.98 -17.81 6.18
CA ILE A 535 -5.37 -17.68 6.59
C ILE A 535 -5.52 -16.38 7.38
N ARG A 536 -6.50 -15.57 7.00
CA ARG A 536 -6.75 -14.28 7.65
C ARG A 536 -8.13 -14.29 8.26
N LEU A 537 -8.20 -14.08 9.57
CA LEU A 537 -9.46 -14.06 10.30
C LEU A 537 -9.70 -12.66 10.83
N TYR A 538 -10.74 -12.00 10.33
CA TYR A 538 -11.13 -10.68 10.80
C TYR A 538 -12.34 -10.79 11.71
N ILE A 539 -12.35 -9.99 12.78
CA ILE A 539 -13.48 -9.98 13.72
C ILE A 539 -13.82 -8.53 14.05
N ASP A 540 -15.10 -8.20 13.95
CA ASP A 540 -15.55 -6.81 14.08
C ASP A 540 -16.88 -6.79 14.83
N SER A 541 -16.87 -6.30 16.07
CA SER A 541 -18.07 -6.26 16.90
C SER A 541 -18.35 -4.82 17.33
N TYR A 542 -19.61 -4.41 17.22
CA TYR A 542 -20.01 -3.05 17.54
C TYR A 542 -20.51 -2.95 18.98
N GLU A 543 -20.34 -1.77 19.57
CA GLU A 543 -20.79 -1.50 20.93
C GLU A 543 -21.03 -0.01 21.08
N LYS A 544 -22.25 0.36 21.47
CA LYS A 544 -22.64 1.74 21.68
C LYS A 544 -22.84 2.09 23.15
N ASP A 545 -23.18 1.11 23.98
CA ASP A 545 -23.31 1.31 25.43
C ASP A 545 -22.04 1.92 25.98
N VAL A 546 -22.04 3.25 26.17
CA VAL A 546 -20.81 3.97 26.51
C VAL A 546 -20.15 3.44 27.78
N ALA A 547 -20.88 2.68 28.61
CA ALA A 547 -20.25 1.97 29.72
C ALA A 547 -19.30 0.89 29.21
N LYS A 548 -19.61 0.30 28.06
CA LYS A 548 -18.80 -0.76 27.47
C LYS A 548 -17.93 -0.26 26.32
N ILE A 549 -17.91 1.05 26.05
CA ILE A 549 -17.11 1.59 24.96
C ILE A 549 -15.63 1.36 25.21
N ASN A 550 -15.18 1.48 26.44
CA ASN A 550 -13.79 1.23 26.79
C ASN A 550 -13.69 -0.11 27.51
N GLN A 551 -12.93 -1.03 26.93
CA GLN A 551 -12.53 -2.30 27.53
C GLN A 551 -11.49 -2.91 26.61
N ASP A 552 -10.73 -3.86 27.14
CA ASP A 552 -9.68 -4.50 26.36
C ASP A 552 -10.28 -5.18 25.13
N PRO A 553 -9.85 -4.85 23.92
CA PRO A 553 -10.50 -5.44 22.74
C PRO A 553 -10.29 -6.94 22.64
N GLN A 554 -9.10 -7.45 22.96
CA GLN A 554 -8.89 -8.89 22.95
C GLN A 554 -9.70 -9.59 24.03
N VAL A 555 -10.07 -8.87 25.08
CA VAL A 555 -11.00 -9.42 26.07
C VAL A 555 -12.44 -9.28 25.58
N MET A 556 -12.78 -8.12 25.01
CA MET A 556 -14.14 -7.90 24.53
C MET A 556 -14.50 -8.83 23.38
N LEU A 557 -13.52 -9.26 22.59
CA LEU A 557 -13.79 -10.03 21.39
C LEU A 557 -13.65 -11.54 21.58
N ALA A 558 -13.02 -11.97 22.67
CA ALA A 558 -12.68 -13.38 22.94
C ALA A 558 -13.80 -14.36 22.61
N PRO A 559 -15.05 -14.09 22.99
CA PRO A 559 -16.15 -14.98 22.55
C PRO A 559 -16.22 -15.15 21.05
N LEU A 560 -16.20 -14.04 20.30
CA LEU A 560 -16.30 -14.14 18.84
C LEU A 560 -15.11 -14.88 18.24
N ILE A 561 -13.93 -14.74 18.84
CA ILE A 561 -12.77 -15.50 18.38
C ILE A 561 -13.01 -17.00 18.58
N SER A 562 -13.35 -17.37 19.82
CA SER A 562 -13.60 -18.77 20.13
C SER A 562 -14.65 -19.37 19.21
N ILE A 563 -15.70 -18.61 18.90
CA ILE A 563 -16.72 -19.07 17.97
C ILE A 563 -16.16 -19.18 16.56
N ALA A 564 -15.27 -18.27 16.18
CA ALA A 564 -14.71 -18.29 14.83
C ALA A 564 -13.90 -19.56 14.58
N LEU A 565 -12.98 -19.89 15.50
CA LEU A 565 -12.19 -21.10 15.28
C LEU A 565 -12.99 -22.37 15.58
N LYS A 566 -13.94 -22.30 16.52
CA LYS A 566 -14.77 -23.48 16.79
C LYS A 566 -15.68 -23.80 15.61
N VAL A 567 -16.09 -22.79 14.85
CA VAL A 567 -16.93 -23.02 13.68
C VAL A 567 -16.08 -23.41 12.46
N SER A 568 -14.92 -22.78 12.30
CA SER A 568 -14.06 -23.08 11.16
C SER A 568 -13.26 -24.37 11.32
N GLN A 569 -13.13 -24.86 12.55
CA GLN A 569 -12.24 -25.97 12.86
C GLN A 569 -10.81 -25.67 12.41
N LEU A 570 -10.36 -24.44 12.67
CA LEU A 570 -9.03 -24.01 12.24
C LEU A 570 -7.94 -24.88 12.83
N GLN A 571 -8.01 -25.11 14.16
CA GLN A 571 -6.92 -25.78 14.85
C GLN A 571 -6.75 -27.22 14.36
N GLU A 572 -7.85 -27.95 14.20
CA GLU A 572 -7.76 -29.37 13.86
C GLU A 572 -7.31 -29.60 12.42
N ARG A 573 -7.60 -28.66 11.53
CA ARG A 573 -7.26 -28.82 10.12
C ARG A 573 -5.93 -28.18 9.73
N THR A 574 -5.51 -27.13 10.43
CA THR A 574 -4.21 -26.52 10.16
C THR A 574 -3.12 -27.05 11.07
N GLY A 575 -3.48 -27.59 12.23
CA GLY A 575 -2.51 -28.01 13.22
C GLY A 575 -1.93 -26.89 14.06
N ARG A 576 -2.23 -25.64 13.73
CA ARG A 576 -1.70 -24.50 14.47
C ARG A 576 -2.54 -24.25 15.72
N THR A 577 -1.86 -23.81 16.78
CA THR A 577 -2.53 -23.54 18.05
C THR A 577 -2.66 -22.06 18.35
N ALA A 578 -1.81 -21.21 17.76
CA ALA A 578 -1.85 -19.77 17.98
C ALA A 578 -1.66 -19.07 16.65
N PRO A 579 -2.22 -17.87 16.49
CA PRO A 579 -2.01 -17.12 15.25
C PRO A 579 -0.57 -16.64 15.12
N THR A 580 -0.13 -16.49 13.87
CA THR A 580 1.22 -16.02 13.63
C THR A 580 1.38 -14.56 14.05
N VAL A 581 0.42 -13.71 13.70
CA VAL A 581 0.46 -12.31 14.16
C VAL A 581 -0.96 -11.83 14.45
N ILE A 582 -1.11 -11.16 15.60
CA ILE A 582 -2.37 -10.57 16.03
C ILE A 582 -2.27 -9.07 15.88
N THR A 583 -3.27 -8.46 15.24
CA THR A 583 -3.33 -7.01 15.17
C THR A 583 -4.72 -6.50 15.56
ZN ZN B . 3.13 -0.89 0.68
C1 G1P C . -3.09 -7.89 1.54
C2 G1P C . -4.07 -6.98 2.29
C3 G1P C . -4.78 -6.07 1.38
C4 G1P C . -3.85 -5.27 0.51
C5 G1P C . -2.84 -6.18 -0.20
C6 G1P C . -1.86 -5.32 -0.95
O1 G1P C . -3.78 -8.69 0.67
O2 G1P C . -5.03 -7.79 2.98
O3 G1P C . -5.60 -5.15 2.16
O4 G1P C . -4.62 -4.55 -0.46
O5 G1P C . -2.13 -7.06 0.74
O6 G1P C . -1.29 -4.41 -0.05
P G1P C . -4.29 -10.20 1.09
O1P G1P C . -5.23 -10.12 2.28
O2P G1P C . -5.02 -10.82 -0.09
O3P G1P C . -3.12 -11.07 1.45
#